data_6KC2
#
_entry.id   6KC2
#
_cell.length_a   152.402
_cell.length_b   152.402
_cell.length_c   146.035
_cell.angle_alpha   90.000
_cell.angle_beta   90.000
_cell.angle_gamma   120.000
#
_symmetry.space_group_name_H-M   'P 61 2 2'
#
loop_
_entity.id
_entity.type
_entity.pdbx_description
1 polymer Lectin
2 branched 2-acetamido-2-deoxy-beta-D-glucopyranose-(1-4)-2-acetamido-2-deoxy-beta-D-glucopyranose
3 non-polymer 'CALCIUM ION'
4 non-polymer alpha-L-rhamnopyranose
5 water water
#
_entity_poly.entity_id   1
_entity_poly.type   'polypeptide(L)'
_entity_poly.pdbx_seq_one_letter_code
;MVLLVIGLPLVSLVVALVAAAAPDSQVCDVDSTATCKITATPSQFQPALLNASKWIWTGENPIPGGSNIISTRPFRKNIT
APCGKCSVCATIVVASDDAHTFYVNGVRIGTGAGFRQGQALFVALQPTWNLFAIAGQNLVANSPAGIMASILVHFSDGTS
ETFVTDESWKTLRAAPPENFQLPSTNDSNWPSAAVQGAYQNSVWGPPVLPPVLPLRGSNWIWTSDNVNGAAPVGSRAFRK
TVNQCTKVAVCATVLIAADDRYTLYVNGATVGSGSSYTVADAYTIPNLHPTFNTFAINATNGGGPAGVIATILITYSDGS
NETVVTDASWKAIQTIPQGFQPPLIDEFGWESAKIIGAFGVAPWGAGMVIPSA
;
_entity_poly.pdbx_strand_id   A
#
loop_
_chem_comp.id
_chem_comp.type
_chem_comp.name
_chem_comp.formula
CA non-polymer 'CALCIUM ION' 'Ca 2'
NAG D-saccharide, beta linking 2-acetamido-2-deoxy-beta-D-glucopyranose 'C8 H15 N O6'
RAM L-saccharide, alpha linking alpha-L-rhamnopyranose 'C6 H12 O5'
#
# COMPACT_ATOMS: atom_id res chain seq x y z
N CYS A 36 -21.52 6.00 5.14
CA CYS A 36 -21.40 6.01 3.67
C CYS A 36 -20.79 7.33 3.19
N LYS A 37 -21.03 8.41 3.93
CA LYS A 37 -20.41 9.69 3.62
C LYS A 37 -19.00 9.72 4.20
N ILE A 38 -18.03 10.10 3.38
CA ILE A 38 -16.63 10.04 3.76
C ILE A 38 -16.21 11.42 4.24
N THR A 39 -16.06 11.57 5.55
CA THR A 39 -15.55 12.78 6.17
C THR A 39 -14.05 12.71 6.45
N ALA A 40 -13.44 11.53 6.29
CA ALA A 40 -11.99 11.43 6.40
C ALA A 40 -11.32 12.30 5.34
N THR A 41 -10.19 12.92 5.71
CA THR A 41 -9.42 13.77 4.81
C THR A 41 -7.99 13.28 4.69
N PRO A 42 -7.20 13.77 3.72
CA PRO A 42 -5.81 13.32 3.60
C PRO A 42 -5.04 13.50 4.91
N SER A 43 -4.22 12.51 5.23
CA SER A 43 -3.48 12.49 6.48
C SER A 43 -2.12 11.82 6.26
N GLN A 44 -1.23 11.99 7.23
CA GLN A 44 -0.01 11.20 7.26
C GLN A 44 -0.35 9.71 7.24
N PHE A 45 0.40 8.93 6.47
CA PHE A 45 0.15 7.50 6.38
C PHE A 45 0.30 6.83 7.75
N GLN A 46 -0.63 5.94 8.09
CA GLN A 46 -0.59 5.21 9.36
C GLN A 46 -0.15 3.77 9.10
N PRO A 47 0.99 3.33 9.63
CA PRO A 47 1.46 1.98 9.32
C PRO A 47 0.60 0.91 9.96
N ALA A 48 0.29 -0.12 9.18
CA ALA A 48 -0.19 -1.37 9.76
C ALA A 48 0.97 -2.09 10.43
N LEU A 49 0.79 -2.50 11.68
CA LEU A 49 1.80 -3.22 12.44
C LEU A 49 1.40 -4.66 12.63
N LEU A 50 2.40 -5.51 12.84
CA LEU A 50 2.20 -6.93 13.08
C LEU A 50 2.21 -7.29 14.56
N ASN A 51 2.49 -6.32 15.45
CA ASN A 51 2.72 -6.60 16.86
C ASN A 51 1.60 -7.40 17.53
N ALA A 52 0.34 -7.13 17.16
CA ALA A 52 -0.78 -7.87 17.76
C ALA A 52 -1.17 -9.10 16.96
N SER A 53 -0.49 -9.41 15.86
CA SER A 53 -0.96 -10.48 14.99
C SER A 53 -0.42 -11.84 15.45
N LYS A 54 -1.07 -12.91 14.97
CA LYS A 54 -0.68 -14.26 15.30
C LYS A 54 -0.43 -15.07 14.04
N TRP A 55 0.56 -15.97 14.11
CA TRP A 55 0.74 -17.00 13.09
C TRP A 55 -0.34 -18.06 13.24
N ILE A 56 -0.92 -18.49 12.12
CA ILE A 56 -1.94 -19.55 12.14
C ILE A 56 -1.63 -20.61 11.10
N TRP A 57 -2.03 -21.83 11.42
CA TRP A 57 -2.01 -22.96 10.50
C TRP A 57 -3.23 -23.80 10.85
N THR A 58 -3.18 -25.09 10.52
CA THR A 58 -4.33 -25.96 10.69
C THR A 58 -4.35 -26.71 12.00
N GLY A 59 -3.21 -26.87 12.66
CA GLY A 59 -3.15 -27.73 13.82
C GLY A 59 -3.08 -29.21 13.50
N GLU A 60 -2.89 -29.58 12.24
CA GLU A 60 -2.61 -30.98 11.91
C GLU A 60 -1.47 -31.53 12.75
N ASN A 61 -0.45 -30.71 13.02
CA ASN A 61 0.48 -30.99 14.08
C ASN A 61 0.08 -30.15 15.29
N PRO A 62 -0.35 -30.77 16.40
CA PRO A 62 -0.79 -29.95 17.56
C PRO A 62 0.33 -29.19 18.24
N ILE A 63 1.58 -29.42 17.86
CA ILE A 63 2.69 -28.61 18.39
C ILE A 63 2.81 -27.34 17.57
N PRO A 64 2.64 -26.17 18.16
CA PRO A 64 2.78 -24.93 17.38
C PRO A 64 4.23 -24.69 17.00
N GLY A 65 4.45 -24.33 15.74
CA GLY A 65 5.80 -24.25 15.23
C GLY A 65 6.42 -25.61 14.97
N GLY A 66 5.62 -26.66 15.00
CA GLY A 66 6.12 -28.00 14.78
C GLY A 66 6.22 -28.33 13.30
N SER A 67 6.76 -29.52 13.04
CA SER A 67 6.93 -29.96 11.66
C SER A 67 5.58 -30.26 11.03
N ASN A 68 5.43 -29.86 9.77
CA ASN A 68 4.23 -30.07 8.99
C ASN A 68 4.60 -30.62 7.63
N ILE A 69 3.63 -31.24 6.99
CA ILE A 69 3.83 -31.82 5.66
C ILE A 69 3.72 -30.74 4.59
N ILE A 70 4.30 -31.02 3.43
CA ILE A 70 4.04 -30.20 2.25
C ILE A 70 2.56 -30.24 1.94
N SER A 71 1.96 -29.07 1.76
CA SER A 71 0.50 -28.98 1.71
C SER A 71 0.10 -27.54 1.42
N THR A 72 -1.14 -27.40 0.94
CA THR A 72 -1.79 -26.11 0.78
C THR A 72 -3.04 -26.10 1.65
N ARG A 73 -3.26 -24.99 2.35
CA ARG A 73 -4.37 -24.92 3.30
C ARG A 73 -5.10 -23.59 3.20
N PRO A 74 -6.42 -23.59 3.36
CA PRO A 74 -7.22 -22.35 3.28
C PRO A 74 -7.45 -21.70 4.64
N PHE A 75 -7.60 -20.37 4.60
CA PHE A 75 -7.91 -19.58 5.78
C PHE A 75 -8.88 -18.47 5.39
N ARG A 76 -9.94 -18.30 6.18
CA ARG A 76 -11.01 -17.34 5.88
C ARG A 76 -11.41 -16.59 7.13
N LYS A 77 -11.76 -15.31 6.97
CA LYS A 77 -12.32 -14.52 8.04
C LYS A 77 -13.27 -13.48 7.45
N ASN A 78 -14.53 -13.53 7.88
CA ASN A 78 -15.49 -12.49 7.54
C ASN A 78 -15.40 -11.41 8.62
N ILE A 79 -15.03 -10.20 8.22
CA ILE A 79 -14.90 -9.07 9.13
C ILE A 79 -16.00 -8.08 8.82
N THR A 80 -16.73 -7.66 9.85
CA THR A 80 -17.82 -6.71 9.69
C THR A 80 -17.43 -5.35 10.23
N ALA A 81 -17.95 -4.31 9.60
CA ALA A 81 -17.69 -2.96 10.08
C ALA A 81 -18.42 -2.72 11.40
N PRO A 82 -17.77 -2.07 12.37
CA PRO A 82 -18.47 -1.69 13.60
C PRO A 82 -19.69 -0.83 13.32
N CYS A 83 -20.57 -0.75 14.31
CA CYS A 83 -21.83 -0.04 14.18
C CYS A 83 -21.58 1.43 13.85
N GLY A 84 -22.25 1.91 12.81
CA GLY A 84 -22.26 3.33 12.47
C GLY A 84 -21.10 3.83 11.64
N LYS A 85 -20.12 3.00 11.30
CA LYS A 85 -19.06 3.36 10.35
C LYS A 85 -19.19 2.51 9.09
N CYS A 86 -18.69 3.04 7.98
CA CYS A 86 -18.44 2.26 6.77
C CYS A 86 -16.94 2.04 6.60
N SER A 87 -16.56 0.83 6.24
CA SER A 87 -15.17 0.59 5.87
C SER A 87 -14.93 1.01 4.41
N VAL A 88 -13.79 1.63 4.18
CA VAL A 88 -13.43 2.23 2.90
C VAL A 88 -12.32 1.45 2.21
N CYS A 89 -11.17 1.29 2.88
CA CYS A 89 -10.06 0.57 2.29
C CYS A 89 -9.18 0.03 3.41
N ALA A 90 -8.16 -0.74 3.02
CA ALA A 90 -7.29 -1.36 4.00
C ALA A 90 -5.83 -1.37 3.54
N THR A 91 -4.94 -1.14 4.49
CA THR A 91 -3.52 -1.43 4.35
C THR A 91 -3.25 -2.80 4.96
N ILE A 92 -2.64 -3.70 4.19
CA ILE A 92 -2.44 -5.08 4.65
C ILE A 92 -0.95 -5.39 4.70
N VAL A 93 -0.50 -6.08 5.75
CA VAL A 93 0.83 -6.68 5.78
C VAL A 93 0.70 -8.17 6.07
N VAL A 94 1.28 -9.00 5.21
CA VAL A 94 1.14 -10.44 5.31
C VAL A 94 2.53 -11.08 5.21
N ALA A 95 2.74 -12.15 5.98
CA ALA A 95 3.97 -12.92 5.98
C ALA A 95 3.59 -14.39 6.00
N SER A 96 4.46 -15.24 5.44
CA SER A 96 4.10 -16.64 5.35
C SER A 96 5.32 -17.54 5.43
N ASP A 97 5.08 -18.72 5.96
CA ASP A 97 6.01 -19.84 5.87
C ASP A 97 5.19 -20.97 5.27
N ASP A 98 5.34 -21.24 3.96
CA ASP A 98 6.36 -20.65 3.08
C ASP A 98 5.84 -19.61 2.07
N ALA A 99 4.56 -19.71 1.66
CA ALA A 99 4.05 -18.88 0.58
C ALA A 99 2.56 -18.64 0.78
N HIS A 100 2.04 -17.60 0.15
CA HIS A 100 0.64 -17.25 0.35
C HIS A 100 0.05 -16.63 -0.91
N THR A 101 -1.27 -16.79 -1.05
CA THR A 101 -2.08 -16.03 -1.99
C THR A 101 -3.21 -15.38 -1.21
N PHE A 102 -3.38 -14.08 -1.37
CA PHE A 102 -4.29 -13.27 -0.58
C PHE A 102 -5.49 -12.84 -1.42
N TYR A 103 -6.70 -13.05 -0.89
CA TYR A 103 -7.93 -12.69 -1.59
C TYR A 103 -8.80 -11.80 -0.69
N VAL A 104 -9.47 -10.84 -1.32
CA VAL A 104 -10.44 -9.99 -0.65
C VAL A 104 -11.75 -10.05 -1.45
N ASN A 105 -12.82 -10.48 -0.79
CA ASN A 105 -14.16 -10.64 -1.40
C ASN A 105 -14.07 -11.37 -2.74
N GLY A 106 -13.26 -12.43 -2.77
CA GLY A 106 -13.14 -13.27 -3.95
C GLY A 106 -12.07 -12.86 -4.94
N VAL A 107 -11.50 -11.65 -4.82
CA VAL A 107 -10.54 -11.12 -5.79
C VAL A 107 -9.12 -11.37 -5.29
N ARG A 108 -8.28 -11.97 -6.14
CA ARG A 108 -6.86 -12.13 -5.85
C ARG A 108 -6.18 -10.77 -5.80
N ILE A 109 -5.59 -10.45 -4.65
CA ILE A 109 -4.98 -9.17 -4.38
C ILE A 109 -3.45 -9.23 -4.46
N GLY A 110 -2.85 -10.39 -4.20
CA GLY A 110 -1.41 -10.47 -4.12
C GLY A 110 -0.97 -11.89 -3.82
N THR A 111 0.26 -12.19 -4.24
CA THR A 111 0.93 -13.45 -3.95
C THR A 111 2.32 -13.11 -3.40
N GLY A 112 2.80 -13.89 -2.44
CA GLY A 112 4.07 -13.61 -1.83
C GLY A 112 4.59 -14.83 -1.10
N ALA A 113 5.68 -14.63 -0.35
CA ALA A 113 6.37 -15.74 0.30
C ALA A 113 7.39 -15.19 1.30
N GLY A 114 7.57 -15.91 2.39
CA GLY A 114 8.67 -15.58 3.28
C GLY A 114 8.18 -14.97 4.58
N PHE A 115 8.90 -15.25 5.66
CA PHE A 115 8.50 -14.82 6.99
C PHE A 115 9.44 -13.80 7.59
N ARG A 116 10.61 -13.56 6.97
CA ARG A 116 11.55 -12.59 7.51
C ARG A 116 11.10 -11.16 7.26
N GLN A 117 10.37 -10.93 6.17
CA GLN A 117 9.85 -9.60 5.88
C GLN A 117 8.44 -9.73 5.32
N GLY A 118 7.54 -8.89 5.81
CA GLY A 118 6.16 -8.94 5.35
C GLY A 118 6.00 -8.33 3.97
N GLN A 119 4.83 -8.57 3.40
CA GLN A 119 4.42 -8.01 2.12
C GLN A 119 3.27 -7.02 2.32
N ALA A 120 3.43 -5.84 1.75
CA ALA A 120 2.42 -4.78 1.76
C ALA A 120 1.43 -4.97 0.61
N LEU A 121 0.14 -4.90 0.93
CA LEU A 121 -0.94 -4.91 -0.06
C LEU A 121 -1.95 -3.83 0.31
N PHE A 122 -2.66 -3.32 -0.70
CA PHE A 122 -3.66 -2.27 -0.52
C PHE A 122 -4.92 -2.65 -1.28
N VAL A 123 -6.09 -2.36 -0.72
CA VAL A 123 -7.33 -2.84 -1.33
C VAL A 123 -8.49 -1.97 -0.87
N ALA A 124 -9.40 -1.70 -1.80
CA ALA A 124 -10.68 -1.11 -1.47
C ALA A 124 -11.58 -2.17 -0.82
N LEU A 125 -12.55 -1.73 -0.04
CA LEU A 125 -13.40 -2.62 0.75
C LEU A 125 -14.88 -2.32 0.50
N GLN A 126 -15.71 -3.36 0.68
CA GLN A 126 -17.15 -3.16 0.81
C GLN A 126 -17.46 -2.40 2.09
N PRO A 127 -18.62 -1.73 2.16
CA PRO A 127 -18.86 -0.83 3.30
C PRO A 127 -19.14 -1.53 4.62
N THR A 128 -19.77 -2.71 4.63
CA THR A 128 -20.19 -3.27 5.93
C THR A 128 -19.53 -4.60 6.29
N TRP A 129 -19.29 -5.50 5.34
CA TRP A 129 -18.51 -6.69 5.65
C TRP A 129 -17.54 -6.98 4.51
N ASN A 130 -16.48 -7.72 4.85
CA ASN A 130 -15.45 -8.09 3.89
C ASN A 130 -14.92 -9.48 4.22
N LEU A 131 -14.86 -10.35 3.21
CA LEU A 131 -14.32 -11.70 3.36
C LEU A 131 -12.85 -11.70 2.96
N PHE A 132 -11.96 -11.94 3.91
CA PHE A 132 -10.55 -12.14 3.64
C PHE A 132 -10.27 -13.62 3.57
N ALA A 133 -9.53 -14.04 2.54
CA ALA A 133 -9.20 -15.44 2.34
C ALA A 133 -7.73 -15.54 1.96
N ILE A 134 -7.06 -16.53 2.53
CA ILE A 134 -5.64 -16.74 2.27
C ILE A 134 -5.43 -18.22 1.99
N ALA A 135 -4.73 -18.52 0.90
CA ALA A 135 -4.22 -19.86 0.67
C ALA A 135 -2.75 -19.84 1.07
N GLY A 136 -2.41 -20.62 2.10
CA GLY A 136 -1.03 -20.76 2.54
C GLY A 136 -0.45 -22.09 2.07
N GLN A 137 0.85 -22.11 1.85
CA GLN A 137 1.53 -23.32 1.38
C GLN A 137 2.77 -23.58 2.21
N ASN A 138 2.90 -24.81 2.71
CA ASN A 138 4.14 -25.30 3.26
C ASN A 138 4.91 -26.02 2.14
N LEU A 139 6.14 -25.59 1.87
CA LEU A 139 6.86 -26.09 0.71
C LEU A 139 8.05 -26.98 1.06
N VAL A 140 8.38 -27.14 2.35
CA VAL A 140 9.49 -27.98 2.77
C VAL A 140 8.95 -29.02 3.75
N ALA A 141 9.26 -30.29 3.51
CA ALA A 141 8.75 -31.35 4.37
C ALA A 141 9.35 -31.25 5.77
N ASN A 142 8.58 -31.67 6.78
CA ASN A 142 9.01 -31.69 8.18
C ASN A 142 9.35 -30.29 8.71
N SER A 143 8.78 -29.25 8.14
CA SER A 143 9.14 -27.88 8.50
C SER A 143 7.93 -27.14 9.04
N PRO A 144 8.14 -26.05 9.79
CA PRO A 144 7.00 -25.28 10.29
C PRO A 144 6.18 -24.69 9.16
N ALA A 145 4.96 -24.29 9.49
CA ALA A 145 4.06 -23.70 8.51
C ALA A 145 3.19 -22.66 9.22
N GLY A 146 2.93 -21.56 8.52
CA GLY A 146 2.18 -20.48 9.15
C GLY A 146 1.91 -19.28 8.28
N ILE A 147 0.79 -18.63 8.58
CA ILE A 147 0.33 -17.42 7.91
C ILE A 147 0.15 -16.37 9.00
N MET A 148 0.63 -15.15 8.74
CA MET A 148 0.42 -14.04 9.65
C MET A 148 0.03 -12.81 8.84
N ALA A 149 -1.01 -12.12 9.25
CA ALA A 149 -1.38 -10.91 8.53
C ALA A 149 -1.94 -9.89 9.51
N SER A 150 -1.81 -8.63 9.13
CA SER A 150 -2.46 -7.54 9.82
C SER A 150 -3.24 -6.73 8.78
N ILE A 151 -4.48 -6.39 9.10
CA ILE A 151 -5.39 -5.70 8.19
C ILE A 151 -5.82 -4.40 8.88
N LEU A 152 -5.26 -3.29 8.43
CA LEU A 152 -5.61 -1.97 8.99
C LEU A 152 -6.72 -1.38 8.13
N VAL A 153 -7.94 -1.38 8.67
CA VAL A 153 -9.12 -0.91 7.96
C VAL A 153 -9.30 0.57 8.26
N HIS A 154 -9.47 1.37 7.22
CA HIS A 154 -9.84 2.77 7.37
C HIS A 154 -11.33 2.95 7.14
N PHE A 155 -11.99 3.69 8.03
CA PHE A 155 -13.43 3.90 7.99
C PHE A 155 -13.78 5.29 7.45
N SER A 156 -15.05 5.45 7.06
CA SER A 156 -15.53 6.67 6.42
C SER A 156 -15.38 7.91 7.31
N ASP A 157 -15.38 7.74 8.63
CA ASP A 157 -15.28 8.87 9.55
C ASP A 157 -13.84 9.21 9.92
N GLY A 158 -12.85 8.61 9.28
CA GLY A 158 -11.48 8.94 9.59
C GLY A 158 -10.84 8.07 10.67
N THR A 159 -11.56 7.11 11.24
CA THR A 159 -10.96 6.22 12.21
C THR A 159 -10.48 4.95 11.53
N SER A 160 -9.66 4.18 12.26
CA SER A 160 -9.07 2.96 11.77
C SER A 160 -9.07 1.90 12.87
N GLU A 161 -9.12 0.65 12.46
CA GLU A 161 -8.96 -0.47 13.37
C GLU A 161 -8.14 -1.56 12.70
N THR A 162 -7.20 -2.16 13.45
CA THR A 162 -6.43 -3.31 12.95
C THR A 162 -7.13 -4.62 13.27
N PHE A 163 -7.20 -5.51 12.28
CA PHE A 163 -7.65 -6.87 12.42
C PHE A 163 -6.50 -7.81 12.06
N VAL A 164 -6.44 -8.99 12.70
CA VAL A 164 -5.28 -9.88 12.58
C VAL A 164 -5.72 -11.32 12.37
N THR A 165 -4.82 -12.11 11.80
CA THR A 165 -4.97 -13.57 11.84
C THR A 165 -4.92 -14.03 13.29
N ASP A 166 -5.85 -14.92 13.66
CA ASP A 166 -5.84 -15.52 14.98
C ASP A 166 -6.73 -16.77 14.95
N GLU A 167 -7.11 -17.26 16.14
CA GLU A 167 -7.89 -18.49 16.25
C GLU A 167 -9.34 -18.31 15.79
N SER A 168 -9.81 -17.08 15.58
CA SER A 168 -11.16 -16.90 15.04
C SER A 168 -11.25 -17.13 13.54
N TRP A 169 -10.12 -17.29 12.83
CA TRP A 169 -10.20 -17.60 11.41
C TRP A 169 -10.60 -19.07 11.21
N LYS A 170 -11.26 -19.33 10.08
CA LYS A 170 -11.62 -20.70 9.71
C LYS A 170 -10.57 -21.30 8.79
N THR A 171 -10.40 -22.62 8.88
CA THR A 171 -9.47 -23.35 8.01
C THR A 171 -10.06 -24.72 7.70
N LEU A 172 -9.30 -25.51 6.95
CA LEU A 172 -9.61 -26.92 6.67
C LEU A 172 -8.33 -27.73 6.78
N ARG A 173 -8.47 -28.97 7.24
CA ARG A 173 -7.34 -29.90 7.24
C ARG A 173 -7.15 -30.59 5.90
N ALA A 174 -7.31 -29.84 4.80
CA ALA A 174 -7.31 -30.41 3.46
C ALA A 174 -6.98 -29.29 2.49
N ALA A 175 -6.67 -29.69 1.26
CA ALA A 175 -6.43 -28.70 0.21
C ALA A 175 -7.65 -27.79 0.07
N PRO A 176 -7.44 -26.54 -0.35
CA PRO A 176 -8.57 -25.61 -0.49
C PRO A 176 -9.57 -26.12 -1.52
N PRO A 177 -10.86 -26.15 -1.18
CA PRO A 177 -11.88 -26.45 -2.18
C PRO A 177 -11.87 -25.42 -3.29
N GLU A 178 -12.39 -25.82 -4.45
CA GLU A 178 -12.56 -24.86 -5.52
C GLU A 178 -13.42 -23.71 -5.03
N ASN A 179 -12.99 -22.49 -5.37
CA ASN A 179 -13.71 -21.26 -4.98
C ASN A 179 -13.81 -21.11 -3.47
N PHE A 180 -12.82 -21.61 -2.71
CA PHE A 180 -12.83 -21.44 -1.26
C PHE A 180 -12.81 -19.97 -0.87
N GLN A 181 -12.26 -19.12 -1.72
CA GLN A 181 -12.11 -17.70 -1.41
C GLN A 181 -13.37 -16.90 -1.72
N LEU A 182 -14.38 -17.49 -2.37
CA LEU A 182 -15.53 -16.67 -2.73
C LEU A 182 -16.47 -16.49 -1.54
N PRO A 183 -17.11 -15.33 -1.41
CA PRO A 183 -18.07 -15.14 -0.30
C PRO A 183 -19.22 -16.12 -0.33
N SER A 184 -19.57 -16.67 -1.49
CA SER A 184 -20.70 -17.59 -1.56
C SER A 184 -20.37 -18.95 -0.93
N THR A 185 -19.10 -19.31 -0.81
CA THR A 185 -18.75 -20.54 -0.11
C THR A 185 -19.11 -20.42 1.37
N ASN A 186 -19.73 -21.48 1.90
CA ASN A 186 -20.15 -21.51 3.31
C ASN A 186 -19.04 -22.16 4.14
N ASP A 187 -18.48 -21.41 5.09
CA ASP A 187 -17.41 -21.90 5.95
C ASP A 187 -17.90 -22.20 7.36
N SER A 188 -19.22 -22.31 7.55
CA SER A 188 -19.77 -22.47 8.89
C SER A 188 -19.34 -23.78 9.54
N ASN A 189 -19.11 -24.82 8.75
CA ASN A 189 -18.64 -26.08 9.29
C ASN A 189 -17.12 -26.24 9.24
N TRP A 190 -16.37 -25.17 8.95
CA TRP A 190 -14.91 -25.28 8.98
C TRP A 190 -14.42 -25.20 10.42
N PRO A 191 -13.35 -25.94 10.77
CA PRO A 191 -12.73 -25.75 12.08
C PRO A 191 -12.01 -24.41 12.19
N SER A 192 -11.73 -24.05 13.44
CA SER A 192 -10.95 -22.86 13.74
C SER A 192 -9.48 -23.09 13.43
N ALA A 193 -8.83 -22.02 12.98
CA ALA A 193 -7.39 -22.04 12.77
C ALA A 193 -6.65 -22.25 14.09
N ALA A 194 -5.50 -22.91 14.03
CA ALA A 194 -4.66 -23.14 15.20
C ALA A 194 -3.49 -22.15 15.23
N VAL A 195 -3.33 -21.45 16.36
CA VAL A 195 -2.27 -20.47 16.51
C VAL A 195 -0.91 -21.17 16.58
N GLN A 196 0.04 -20.73 15.78
CA GLN A 196 1.39 -21.29 15.75
C GLN A 196 2.39 -20.50 16.58
N GLY A 197 2.04 -19.29 16.95
CA GLY A 197 2.97 -18.40 17.64
C GLY A 197 2.45 -16.99 17.58
N ALA A 198 3.11 -16.11 18.34
CA ALA A 198 2.78 -14.70 18.38
C ALA A 198 3.90 -13.90 17.73
N TYR A 199 3.67 -12.59 17.57
CA TYR A 199 4.67 -11.72 16.97
C TYR A 199 6.02 -11.83 17.67
N GLN A 200 6.04 -11.76 18.99
CA GLN A 200 7.29 -11.83 19.75
C GLN A 200 7.62 -13.21 20.27
N ASN A 201 6.73 -14.20 20.09
CA ASN A 201 6.97 -15.52 20.68
C ASN A 201 6.57 -16.57 19.65
N SER A 202 7.50 -16.91 18.76
CA SER A 202 7.26 -17.91 17.71
C SER A 202 8.60 -18.41 17.20
N VAL A 203 8.56 -19.51 16.44
CA VAL A 203 9.78 -20.03 15.84
C VAL A 203 10.34 -19.05 14.80
N TRP A 204 9.49 -18.17 14.26
CA TRP A 204 9.92 -17.29 13.17
C TRP A 204 10.60 -16.01 13.64
N GLY A 205 10.31 -15.52 14.85
CA GLY A 205 10.75 -14.19 15.21
C GLY A 205 9.91 -13.13 14.51
N PRO A 206 10.08 -11.88 14.89
CA PRO A 206 9.19 -10.81 14.38
C PRO A 206 9.55 -10.40 12.95
N PRO A 207 8.62 -10.53 12.00
CA PRO A 207 8.93 -10.13 10.62
C PRO A 207 9.16 -8.63 10.53
N VAL A 208 10.13 -8.25 9.68
CA VAL A 208 10.37 -6.85 9.42
C VAL A 208 9.25 -6.29 8.54
N LEU A 209 8.77 -5.10 8.87
CA LEU A 209 7.78 -4.44 8.03
C LEU A 209 8.41 -3.99 6.72
N PRO A 210 7.78 -4.23 5.58
CA PRO A 210 8.31 -3.70 4.31
C PRO A 210 8.14 -2.19 4.26
N PRO A 211 8.77 -1.51 3.29
CA PRO A 211 8.45 -0.09 3.08
C PRO A 211 7.01 0.05 2.61
N VAL A 212 6.39 1.20 2.95
CA VAL A 212 4.99 1.40 2.55
C VAL A 212 4.82 1.22 1.04
N LEU A 213 5.73 1.79 0.25
CA LEU A 213 5.73 1.67 -1.20
C LEU A 213 7.19 1.67 -1.65
N PRO A 214 7.50 1.04 -2.78
CA PRO A 214 8.88 1.12 -3.29
C PRO A 214 9.16 2.45 -3.96
N LEU A 215 10.41 2.91 -3.84
CA LEU A 215 10.92 3.94 -4.73
C LEU A 215 11.68 3.36 -5.93
N ARG A 216 12.22 2.15 -5.80
CA ARG A 216 12.62 1.38 -6.97
C ARG A 216 11.45 1.35 -7.94
N GLY A 217 11.72 1.67 -9.19
CA GLY A 217 10.66 1.81 -10.16
C GLY A 217 10.25 3.25 -10.42
N SER A 218 10.56 4.20 -9.54
CA SER A 218 10.29 5.61 -9.79
C SER A 218 11.56 6.32 -10.24
N ASN A 219 11.39 7.58 -10.63
CA ASN A 219 12.47 8.43 -11.12
C ASN A 219 12.46 9.76 -10.39
N TRP A 220 13.66 10.25 -10.10
CA TRP A 220 13.81 11.67 -9.82
C TRP A 220 13.48 12.49 -11.07
N ILE A 221 12.56 13.44 -10.95
CA ILE A 221 12.23 14.29 -12.10
C ILE A 221 12.45 15.75 -11.73
N TRP A 222 12.55 16.58 -12.77
CA TRP A 222 12.61 18.03 -12.61
C TRP A 222 12.21 18.69 -13.93
N THR A 223 12.18 20.01 -13.93
CA THR A 223 12.09 20.74 -15.18
C THR A 223 13.39 20.63 -15.96
N SER A 224 13.30 20.91 -17.26
CA SER A 224 14.45 20.69 -18.13
C SER A 224 15.55 21.74 -17.95
N ASP A 225 15.42 22.70 -17.02
CA ASP A 225 16.55 23.54 -16.67
C ASP A 225 17.57 22.81 -15.79
N ASN A 226 17.27 21.58 -15.37
CA ASN A 226 18.18 20.72 -14.60
C ASN A 226 19.17 20.08 -15.56
N VAL A 227 20.40 20.58 -15.58
CA VAL A 227 21.43 20.11 -16.50
C VAL A 227 22.77 20.07 -15.78
N ASN A 228 23.60 19.08 -16.15
CA ASN A 228 24.97 18.93 -15.63
C ASN A 228 25.02 18.79 -14.11
N GLY A 229 23.99 18.14 -13.53
CA GLY A 229 23.96 17.84 -12.12
C GLY A 229 23.52 18.98 -11.21
N ALA A 230 22.99 20.06 -11.76
CA ALA A 230 22.50 21.14 -10.92
C ALA A 230 21.34 21.81 -11.63
N ALA A 231 20.54 22.53 -10.85
CA ALA A 231 19.40 23.24 -11.41
C ALA A 231 19.35 24.61 -10.76
N PRO A 232 18.73 25.59 -11.42
CA PRO A 232 18.61 26.92 -10.83
C PRO A 232 17.89 26.89 -9.49
N VAL A 233 18.19 27.88 -8.65
CA VAL A 233 17.39 28.09 -7.45
C VAL A 233 15.98 28.50 -7.87
N GLY A 234 14.97 27.94 -7.22
CA GLY A 234 13.61 28.35 -7.48
C GLY A 234 12.62 27.21 -7.32
N SER A 235 11.35 27.55 -7.51
CA SER A 235 10.25 26.60 -7.39
C SER A 235 9.78 26.15 -8.77
N ARG A 236 9.41 24.89 -8.88
CA ARG A 236 8.91 24.27 -10.11
C ARG A 236 7.66 23.47 -9.77
N ALA A 237 6.75 23.37 -10.73
CA ALA A 237 5.51 22.65 -10.48
C ALA A 237 5.45 21.41 -11.39
N PHE A 238 4.78 20.37 -10.87
CA PHE A 238 4.61 19.11 -11.56
C PHE A 238 3.17 18.61 -11.38
N ARG A 239 2.62 17.99 -12.43
CA ARG A 239 1.22 17.57 -12.46
C ARG A 239 1.09 16.20 -13.08
N LYS A 240 0.25 15.37 -12.47
CA LYS A 240 -0.10 14.08 -13.04
C LYS A 240 -1.57 13.81 -12.77
N THR A 241 -2.31 13.47 -13.81
CA THR A 241 -3.74 13.17 -13.72
C THR A 241 -3.97 11.69 -13.97
N VAL A 242 -4.79 11.06 -13.14
CA VAL A 242 -5.27 9.71 -13.38
C VAL A 242 -6.77 9.77 -13.58
N ASN A 243 -7.25 9.12 -14.64
CA ASN A 243 -8.65 9.26 -15.02
C ASN A 243 -9.08 7.97 -15.72
N GLN A 244 -9.48 6.98 -14.93
CA GLN A 244 -10.02 5.73 -15.47
C GLN A 244 -11.54 5.83 -15.39
N CYS A 245 -12.17 6.35 -16.44
CA CYS A 245 -13.59 6.72 -16.31
C CYS A 245 -14.52 5.52 -16.26
N THR A 246 -14.04 4.30 -16.52
CA THR A 246 -14.87 3.11 -16.35
C THR A 246 -14.60 2.39 -15.03
N LYS A 247 -13.94 3.02 -14.07
CA LYS A 247 -13.64 2.40 -12.79
C LYS A 247 -14.02 3.37 -11.69
N VAL A 248 -13.99 2.89 -10.46
CA VAL A 248 -14.28 3.71 -9.29
C VAL A 248 -13.04 3.67 -8.39
N ALA A 249 -12.33 4.79 -8.33
CA ALA A 249 -11.16 4.94 -7.47
C ALA A 249 -11.60 5.22 -6.04
N VAL A 250 -10.83 4.70 -5.08
CA VAL A 250 -11.23 4.76 -3.68
C VAL A 250 -10.19 5.49 -2.83
N CYS A 251 -9.02 4.87 -2.63
CA CYS A 251 -7.97 5.44 -1.78
C CYS A 251 -6.67 5.53 -2.57
N ALA A 252 -5.83 6.48 -2.18
CA ALA A 252 -4.47 6.57 -2.70
C ALA A 252 -3.50 6.60 -1.52
N THR A 253 -2.37 5.94 -1.71
CA THR A 253 -1.22 6.06 -0.83
C THR A 253 -0.10 6.71 -1.62
N VAL A 254 0.53 7.73 -1.04
CA VAL A 254 1.54 8.51 -1.73
C VAL A 254 2.82 8.47 -0.92
N LEU A 255 3.94 8.22 -1.59
CA LEU A 255 5.27 8.29 -1.00
C LEU A 255 6.07 9.30 -1.80
N ILE A 256 6.69 10.27 -1.13
CA ILE A 256 7.25 11.40 -1.86
C ILE A 256 8.46 11.98 -1.13
N ALA A 257 9.44 12.43 -1.90
CA ALA A 257 10.61 13.14 -1.38
C ALA A 257 11.10 14.09 -2.46
N ALA A 258 11.70 15.20 -2.05
CA ALA A 258 12.19 16.18 -3.01
C ALA A 258 13.54 16.73 -2.59
N ASP A 259 14.43 16.91 -3.57
CA ASP A 259 15.68 17.56 -3.21
C ASP A 259 15.37 19.01 -3.00
N ASP A 260 15.44 19.33 -1.70
CA ASP A 260 15.19 20.52 -0.94
C ASP A 260 13.77 20.42 -0.40
N ARG A 261 12.71 20.64 -1.18
CA ARG A 261 11.40 20.67 -0.50
C ARG A 261 10.25 20.56 -1.50
N TYR A 262 9.07 20.24 -0.98
CA TYR A 262 7.89 20.10 -1.83
C TYR A 262 6.66 20.46 -1.03
N THR A 263 5.60 20.84 -1.75
CA THR A 263 4.23 20.80 -1.23
C THR A 263 3.38 20.01 -2.22
N LEU A 264 2.56 19.11 -1.68
CA LEU A 264 1.80 18.15 -2.45
C LEU A 264 0.31 18.51 -2.38
N TYR A 265 -0.36 18.48 -3.52
CA TYR A 265 -1.79 18.77 -3.62
C TYR A 265 -2.50 17.64 -4.36
N VAL A 266 -3.72 17.36 -3.95
CA VAL A 266 -4.59 16.41 -4.66
C VAL A 266 -5.93 17.09 -4.91
N ASN A 267 -6.31 17.17 -6.19
CA ASN A 267 -7.52 17.88 -6.61
C ASN A 267 -7.60 19.27 -5.97
N GLY A 268 -6.46 19.95 -5.91
CA GLY A 268 -6.38 21.29 -5.38
C GLY A 268 -6.28 21.40 -3.88
N ALA A 269 -6.53 20.34 -3.12
CA ALA A 269 -6.43 20.41 -1.68
C ALA A 269 -5.00 20.06 -1.22
N THR A 270 -4.51 20.82 -0.25
CA THR A 270 -3.20 20.57 0.31
C THR A 270 -3.18 19.24 1.05
N VAL A 271 -2.23 18.38 0.69
CA VAL A 271 -2.05 17.09 1.36
C VAL A 271 -0.96 17.16 2.42
N GLY A 272 0.20 17.70 2.06
CA GLY A 272 1.28 17.83 3.02
C GLY A 272 2.49 18.46 2.36
N SER A 273 3.56 18.60 3.14
CA SER A 273 4.78 19.14 2.59
C SER A 273 5.96 18.54 3.35
N GLY A 274 7.13 18.61 2.74
CA GLY A 274 8.32 18.06 3.34
C GLY A 274 9.52 18.88 2.89
N SER A 275 10.65 18.67 3.57
CA SER A 275 11.87 19.40 3.28
C SER A 275 13.11 18.50 3.41
N SER A 276 12.97 17.21 3.10
CA SER A 276 14.07 16.27 3.22
C SER A 276 14.17 15.40 1.98
N TYR A 277 15.38 15.24 1.46
CA TYR A 277 15.60 14.27 0.40
C TYR A 277 16.25 12.99 0.93
N THR A 278 16.36 12.82 2.25
CA THR A 278 16.84 11.57 2.83
C THR A 278 15.78 10.84 3.66
N VAL A 279 14.70 11.52 4.04
CA VAL A 279 13.58 10.89 4.74
C VAL A 279 12.31 11.19 3.95
N ALA A 280 11.72 10.17 3.34
CA ALA A 280 10.52 10.31 2.52
C ALA A 280 9.26 10.41 3.39
N ASP A 281 8.24 11.05 2.83
CA ASP A 281 6.95 11.18 3.51
C ASP A 281 5.89 10.32 2.83
N ALA A 282 4.99 9.79 3.62
CA ALA A 282 3.92 8.94 3.12
C ALA A 282 2.58 9.53 3.56
N TYR A 283 1.60 9.49 2.65
CA TYR A 283 0.28 10.03 2.92
C TYR A 283 -0.80 9.05 2.48
N THR A 284 -1.95 9.14 3.15
CA THR A 284 -3.15 8.43 2.74
C THR A 284 -4.16 9.46 2.27
N ILE A 285 -4.75 9.22 1.11
CA ILE A 285 -5.84 10.04 0.61
C ILE A 285 -7.07 9.16 0.60
N PRO A 286 -7.95 9.27 1.60
CA PRO A 286 -9.06 8.34 1.72
C PRO A 286 -10.30 8.76 0.95
N ASN A 287 -10.30 9.97 0.40
CA ASN A 287 -11.51 10.52 -0.20
C ASN A 287 -11.27 10.88 -1.66
N LEU A 288 -10.77 9.93 -2.44
CA LEU A 288 -10.52 10.22 -3.85
C LEU A 288 -11.83 10.50 -4.58
N HIS A 289 -11.75 11.37 -5.59
CA HIS A 289 -12.84 11.43 -6.56
C HIS A 289 -12.96 10.08 -7.25
N PRO A 290 -14.18 9.66 -7.61
CA PRO A 290 -14.34 8.30 -8.16
C PRO A 290 -13.69 8.07 -9.50
N THR A 291 -13.47 9.10 -10.33
CA THR A 291 -12.94 8.85 -11.67
C THR A 291 -11.77 9.73 -12.09
N PHE A 292 -11.59 10.91 -11.50
CA PHE A 292 -10.65 11.89 -12.00
C PHE A 292 -9.89 12.47 -10.81
N ASN A 293 -8.57 12.30 -10.78
CA ASN A 293 -7.78 12.81 -9.68
C ASN A 293 -6.45 13.38 -10.18
N THR A 294 -6.12 14.60 -9.73
CA THR A 294 -4.92 15.29 -10.18
C THR A 294 -3.97 15.46 -9.00
N PHE A 295 -2.74 14.99 -9.16
CA PHE A 295 -1.70 15.20 -8.17
C PHE A 295 -0.80 16.33 -8.67
N ALA A 296 -0.58 17.33 -7.82
CA ALA A 296 0.25 18.48 -8.19
C ALA A 296 1.28 18.74 -7.11
N ILE A 297 2.49 19.13 -7.53
CA ILE A 297 3.61 19.33 -6.62
C ILE A 297 4.27 20.67 -6.91
N ASN A 298 4.45 21.49 -5.87
CA ASN A 298 5.37 22.62 -5.91
C ASN A 298 6.65 22.17 -5.21
N ALA A 299 7.71 21.95 -5.97
CA ALA A 299 9.00 21.57 -5.41
C ALA A 299 9.99 22.71 -5.61
N THR A 300 10.85 22.93 -4.62
CA THR A 300 11.72 24.09 -4.59
C THR A 300 13.17 23.64 -4.47
N ASN A 301 14.04 24.21 -5.29
CA ASN A 301 15.47 23.96 -5.19
C ASN A 301 16.15 25.14 -4.49
N GLY A 302 16.84 24.85 -3.39
CA GLY A 302 17.59 25.87 -2.67
C GLY A 302 19.01 26.10 -3.17
N GLY A 303 19.44 25.32 -4.16
CA GLY A 303 20.76 25.43 -4.74
C GLY A 303 21.34 24.05 -5.03
N GLY A 304 22.09 23.93 -6.11
CA GLY A 304 22.73 22.68 -6.46
C GLY A 304 21.78 21.74 -7.17
N PRO A 305 21.99 20.44 -6.99
CA PRO A 305 21.10 19.44 -7.60
C PRO A 305 19.67 19.61 -7.13
N ALA A 306 18.74 19.09 -7.95
CA ALA A 306 17.32 19.15 -7.60
C ALA A 306 16.61 17.96 -8.21
N GLY A 307 15.51 17.57 -7.56
CA GLY A 307 14.67 16.48 -8.06
C GLY A 307 13.52 16.26 -7.10
N VAL A 308 12.44 15.70 -7.66
CA VAL A 308 11.35 15.20 -6.85
C VAL A 308 11.03 13.80 -7.31
N ILE A 309 10.67 12.92 -6.37
CA ILE A 309 10.41 11.52 -6.68
C ILE A 309 9.20 11.09 -5.88
N ALA A 310 8.33 10.28 -6.51
CA ALA A 310 7.13 9.83 -5.82
C ALA A 310 6.63 8.54 -6.43
N THR A 311 5.88 7.80 -5.60
CA THR A 311 5.22 6.57 -5.98
C THR A 311 3.80 6.67 -5.43
N ILE A 312 2.80 6.40 -6.26
CA ILE A 312 1.40 6.52 -5.87
C ILE A 312 0.68 5.22 -6.18
N LEU A 313 -0.02 4.67 -5.21
CA LEU A 313 -0.89 3.52 -5.43
C LEU A 313 -2.34 3.94 -5.24
N ILE A 314 -3.17 3.67 -6.24
CA ILE A 314 -4.61 3.93 -6.18
C ILE A 314 -5.34 2.60 -6.17
N THR A 315 -6.28 2.43 -5.24
CA THR A 315 -7.11 1.24 -5.17
C THR A 315 -8.46 1.48 -5.84
N TYR A 316 -8.97 0.45 -6.51
CA TYR A 316 -10.25 0.50 -7.21
C TYR A 316 -11.27 -0.41 -6.54
N SER A 317 -12.55 -0.06 -6.66
CA SER A 317 -13.59 -0.79 -5.94
C SER A 317 -13.74 -2.23 -6.43
N ASP A 318 -13.24 -2.56 -7.63
CA ASP A 318 -13.26 -3.93 -8.09
C ASP A 318 -12.09 -4.75 -7.56
N GLY A 319 -11.30 -4.20 -6.63
CA GLY A 319 -10.21 -4.91 -6.04
C GLY A 319 -8.88 -4.73 -6.72
N SER A 320 -8.88 -4.15 -7.93
CA SER A 320 -7.66 -3.86 -8.64
C SER A 320 -7.01 -2.58 -8.10
N ASN A 321 -5.84 -2.29 -8.62
CA ASN A 321 -5.06 -1.15 -8.18
C ASN A 321 -4.28 -0.64 -9.38
N GLU A 322 -3.67 0.53 -9.23
CA GLU A 322 -2.68 0.93 -10.20
C GLU A 322 -1.62 1.79 -9.52
N THR A 323 -0.39 1.64 -9.99
CA THR A 323 0.74 2.40 -9.47
C THR A 323 1.13 3.49 -10.45
N VAL A 324 1.34 4.70 -9.95
CA VAL A 324 1.86 5.82 -10.72
C VAL A 324 3.20 6.22 -10.11
N VAL A 325 4.19 6.48 -10.96
CA VAL A 325 5.51 6.93 -10.50
C VAL A 325 5.87 8.23 -11.22
N THR A 326 6.66 9.07 -10.56
CA THR A 326 7.24 10.21 -11.25
C THR A 326 8.07 9.70 -12.43
N ASP A 327 7.79 10.24 -13.62
CA ASP A 327 8.46 9.86 -14.86
C ASP A 327 8.19 10.97 -15.87
N ALA A 328 8.50 10.72 -17.15
CA ALA A 328 8.35 11.75 -18.16
C ALA A 328 6.90 11.97 -18.59
N SER A 329 5.94 11.16 -18.12
CA SER A 329 4.54 11.43 -18.40
C SER A 329 3.96 12.50 -17.50
N TRP A 330 4.67 12.94 -16.47
CA TRP A 330 4.23 14.10 -15.72
C TRP A 330 4.49 15.37 -16.52
N LYS A 331 3.69 16.40 -16.26
CA LYS A 331 3.94 17.71 -16.84
C LYS A 331 4.66 18.58 -15.83
N ALA A 332 5.43 19.53 -16.34
CA ALA A 332 6.27 20.37 -15.50
C ALA A 332 6.29 21.78 -16.07
N ILE A 333 6.54 22.77 -15.21
CA ILE A 333 6.63 24.16 -15.66
C ILE A 333 7.62 24.91 -14.77
N GLN A 334 8.35 25.85 -15.39
CA GLN A 334 9.44 26.52 -14.68
C GLN A 334 9.00 27.76 -13.93
N THR A 335 8.02 28.50 -14.44
CA THR A 335 7.38 29.57 -13.69
C THR A 335 6.01 29.08 -13.28
N ILE A 336 5.75 29.05 -11.98
CA ILE A 336 4.53 28.43 -11.49
C ILE A 336 3.37 29.40 -11.66
N PRO A 337 2.39 29.06 -12.49
CA PRO A 337 1.24 29.95 -12.68
C PRO A 337 0.27 29.90 -11.50
N GLN A 338 -0.53 30.96 -11.39
CA GLN A 338 -1.64 30.99 -10.44
C GLN A 338 -2.55 29.80 -10.67
N GLY A 339 -2.96 29.15 -9.59
CA GLY A 339 -3.75 27.95 -9.72
C GLY A 339 -3.09 26.82 -10.48
N PHE A 340 -1.77 26.60 -10.24
CA PHE A 340 -1.10 25.42 -10.80
C PHE A 340 -1.69 24.12 -10.27
N GLN A 341 -2.35 24.13 -9.10
CA GLN A 341 -2.84 22.90 -8.45
C GLN A 341 -4.29 22.50 -8.74
N PRO A 342 -5.20 23.35 -9.26
CA PRO A 342 -6.55 22.90 -9.55
C PRO A 342 -6.59 21.79 -10.58
N PRO A 343 -7.62 20.93 -10.51
CA PRO A 343 -7.62 19.73 -11.37
C PRO A 343 -7.74 20.02 -12.85
N LEU A 344 -8.42 21.10 -13.27
CA LEU A 344 -8.82 21.19 -14.66
C LEU A 344 -8.20 22.37 -15.41
N ILE A 345 -6.98 22.78 -15.05
CA ILE A 345 -6.39 23.96 -15.68
C ILE A 345 -5.92 23.62 -17.09
N ASP A 346 -5.69 24.67 -17.87
CA ASP A 346 -5.07 24.54 -19.18
C ASP A 346 -3.58 24.22 -19.01
N GLU A 347 -3.15 23.09 -19.56
CA GLU A 347 -1.77 22.66 -19.42
C GLU A 347 -0.90 23.11 -20.59
N PHE A 348 -1.40 24.02 -21.42
CA PHE A 348 -0.61 24.57 -22.51
C PHE A 348 0.59 25.31 -21.92
N GLY A 349 1.76 25.08 -22.52
CA GLY A 349 2.97 25.67 -21.98
C GLY A 349 3.62 24.92 -20.84
N TRP A 350 3.08 23.76 -20.44
CA TRP A 350 3.80 22.84 -19.57
C TRP A 350 4.55 21.85 -20.43
N GLU A 351 5.78 21.55 -20.03
CA GLU A 351 6.58 20.56 -20.73
C GLU A 351 6.44 19.18 -20.07
N SER A 352 6.79 18.15 -20.82
CA SER A 352 7.10 16.86 -20.21
C SER A 352 8.20 17.03 -19.16
N ALA A 353 8.00 16.46 -17.98
CA ALA A 353 9.04 16.49 -16.96
C ALA A 353 10.28 15.75 -17.44
N LYS A 354 11.44 16.17 -16.96
CA LYS A 354 12.70 15.53 -17.36
C LYS A 354 13.07 14.47 -16.33
N ILE A 355 13.43 13.29 -16.80
CA ILE A 355 13.94 12.25 -15.91
C ILE A 355 15.39 12.61 -15.58
N ILE A 356 15.64 12.91 -14.30
CA ILE A 356 17.00 13.13 -13.85
C ILE A 356 17.74 11.82 -13.72
N GLY A 357 17.09 10.81 -13.14
CA GLY A 357 17.63 9.46 -13.07
C GLY A 357 16.64 8.56 -12.35
N ALA A 358 16.76 7.26 -12.60
CA ALA A 358 15.98 6.32 -11.82
C ALA A 358 16.40 6.40 -10.36
N PHE A 359 15.51 5.95 -9.47
CA PHE A 359 15.84 5.92 -8.05
C PHE A 359 17.14 5.17 -7.84
N GLY A 360 18.03 5.73 -7.00
CA GLY A 360 19.33 5.17 -6.73
C GLY A 360 20.49 6.00 -7.25
N VAL A 361 20.29 6.76 -8.33
CA VAL A 361 21.41 7.50 -8.91
C VAL A 361 21.99 8.45 -7.86
N ALA A 362 23.30 8.71 -8.00
CA ALA A 362 23.93 9.86 -7.38
C ALA A 362 23.21 11.14 -7.80
N PRO A 363 23.18 12.16 -6.94
CA PRO A 363 23.86 12.22 -5.64
C PRO A 363 23.08 11.66 -4.47
N TRP A 364 21.79 11.33 -4.66
CA TRP A 364 20.96 10.96 -3.50
C TRP A 364 21.13 9.50 -3.10
N GLY A 365 21.48 8.62 -4.04
CA GLY A 365 21.71 7.24 -3.64
C GLY A 365 20.44 6.46 -3.36
N ALA A 366 20.62 5.30 -2.72
CA ALA A 366 19.54 4.34 -2.51
C ALA A 366 19.08 4.24 -1.06
N GLY A 367 19.59 5.09 -0.18
CA GLY A 367 19.37 4.95 1.25
C GLY A 367 18.19 5.71 1.84
N MET A 368 17.30 6.27 1.01
CA MET A 368 16.11 6.95 1.51
C MET A 368 15.42 6.18 2.64
N VAL A 369 15.17 6.86 3.76
CA VAL A 369 14.33 6.30 4.81
C VAL A 369 12.87 6.34 4.38
N ILE A 370 12.22 5.18 4.34
CA ILE A 370 10.87 5.03 3.85
C ILE A 370 10.00 4.53 5.01
N PRO A 371 8.86 5.16 5.29
CA PRO A 371 7.98 4.67 6.37
C PRO A 371 7.59 3.21 6.14
N SER A 372 7.41 2.50 7.24
CA SER A 372 6.97 1.10 7.20
C SER A 372 5.52 1.00 6.75
N ALA A 373 5.20 -0.07 6.00
CA ALA A 373 3.84 -0.36 5.55
C ALA A 373 2.85 -0.60 6.73
C1 NAG B . -2.29 -4.88 -7.45
C2 NAG B . -1.61 -5.56 -6.30
C3 NAG B . -0.59 -6.57 -6.81
C4 NAG B . -1.02 -7.36 -8.06
C5 NAG B . -2.17 -6.75 -8.89
C6 NAG B . -3.12 -7.82 -9.41
C7 NAG B . -1.41 -4.36 -4.17
C8 NAG B . -2.64 -5.08 -3.75
N2 NAG B . -0.98 -4.61 -5.40
O3 NAG B . -0.34 -7.48 -5.73
O4 NAG B . 0.11 -7.40 -8.94
O5 NAG B . -2.98 -5.80 -8.17
O6 NAG B . -4.48 -7.53 -9.13
O7 NAG B . -0.84 -3.57 -3.42
C1 NAG B . 0.29 -8.56 -9.81
C2 NAG B . 1.64 -8.55 -10.65
C3 NAG B . 2.84 -8.95 -9.78
C4 NAG B . 2.44 -9.14 -8.32
C5 NAG B . 1.34 -10.19 -8.24
C6 NAG B . 0.87 -10.42 -6.83
C7 NAG B . 2.34 -9.29 -12.92
C8 NAG B . 3.33 -8.16 -12.93
N2 NAG B . 1.56 -9.40 -11.83
O3 NAG B . 3.84 -7.95 -9.89
O4 NAG B . 3.55 -9.59 -7.57
O5 NAG B . 0.19 -9.81 -9.02
O6 NAG B . 1.76 -9.81 -5.90
O7 NAG B . 2.24 -10.06 -13.87
C1 NAG C . -20.36 -11.65 6.65
C2 NAG C . -21.18 -12.44 5.64
C3 NAG C . -22.43 -11.67 5.21
C4 NAG C . -23.21 -11.17 6.42
C5 NAG C . -22.29 -10.40 7.35
C6 NAG C . -22.95 -9.90 8.61
C7 NAG C . -19.86 -14.01 4.28
C8 NAG C . -19.05 -14.18 3.04
N2 NAG C . -20.38 -12.79 4.48
O3 NAG C . -23.23 -12.52 4.41
O4 NAG C . -24.25 -10.29 5.98
O5 NAG C . -21.20 -11.24 7.75
O6 NAG C . -23.07 -10.94 9.58
O7 NAG C . -20.03 -14.91 5.09
C1 NAG C . -25.59 -10.67 6.37
C2 NAG C . -26.47 -9.40 6.26
C3 NAG C . -27.96 -9.71 6.48
C4 NAG C . -28.41 -10.92 5.67
C5 NAG C . -27.48 -12.09 5.96
C6 NAG C . -27.84 -13.35 5.21
C7 NAG C . -25.20 -7.38 6.88
C8 NAG C . -24.82 -6.45 7.99
N2 NAG C . -26.01 -8.39 7.21
O3 NAG C . -28.72 -8.56 6.09
O4 NAG C . -29.75 -11.26 6.01
O5 NAG C . -26.15 -11.72 5.56
O6 NAG C . -27.70 -13.19 3.81
O7 NAG C . -24.79 -7.23 5.73
C1 NAG D . 6.03 27.19 -3.79
C2 NAG D . 5.09 28.31 -3.36
C3 NAG D . 5.90 29.56 -3.08
C4 NAG D . 6.89 29.27 -1.95
C5 NAG D . 7.75 28.04 -2.28
C6 NAG D . 8.52 27.55 -1.08
C7 NAG D . 4.19 29.04 -5.54
C8 NAG D . 2.94 29.21 -6.36
N2 NAG D . 4.02 28.55 -4.31
O3 NAG D . 5.03 30.63 -2.71
O4 NAG D . 7.71 30.41 -1.71
O5 NAG D . 6.96 26.92 -2.73
O6 NAG D . 7.75 26.62 -0.32
O7 NAG D . 5.31 29.35 -5.97
C1 NAG D . 7.51 30.91 -0.34
C2 NAG D . 8.84 31.62 0.14
C3 NAG D . 8.63 32.95 0.93
C4 NAG D . 7.22 33.25 1.42
C5 NAG D . 6.26 32.12 1.13
C6 NAG D . 4.81 32.48 1.32
C7 NAG D . 10.62 29.95 0.35
C8 NAG D . 11.36 29.02 1.29
N2 NAG D . 9.66 30.69 0.90
O3 NAG D . 9.10 34.04 0.15
O4 NAG D . 7.22 33.57 2.81
O5 NAG D . 6.44 31.79 -0.24
O6 NAG D . 4.15 31.49 2.11
O7 NAG D . 10.91 30.03 -0.84
CA CA E . 19.26 21.25 -4.00
CA CA F . 7.82 -24.45 5.94
C1 RAM G . 13.43 -23.50 6.05
C2 RAM G . 12.30 -23.56 5.02
C3 RAM G . 11.06 -24.11 5.70
C4 RAM G . 10.69 -23.20 6.87
C5 RAM G . 11.89 -23.02 7.80
C6 RAM G . 11.59 -22.00 8.88
O1 RAM G . 13.73 -24.82 6.55
O2 RAM G . 12.02 -22.25 4.55
O3 RAM G . 10.00 -24.18 4.77
O4 RAM G . 9.58 -23.76 7.54
O5 RAM G . 13.03 -22.59 7.08
C1 RAM H . 23.71 19.95 -0.65
C2 RAM H . 22.37 20.67 -0.47
C3 RAM H . 21.59 20.70 -1.78
C4 RAM H . 21.52 19.29 -2.38
C5 RAM H . 22.90 18.61 -2.39
C6 RAM H . 22.85 17.17 -2.91
O1 RAM H . 24.52 20.64 -1.59
O2 RAM H . 21.61 20.00 0.51
O3 RAM H . 20.29 21.25 -1.59
O4 RAM H . 21.05 19.39 -3.69
O5 RAM H . 23.46 18.63 -1.09
#